data_4O7H
#
_entry.id   4O7H
#
_cell.length_a   47.084
_cell.length_b   48.965
_cell.length_c   56.559
_cell.angle_alpha   109.85
_cell.angle_beta   106.96
_cell.angle_gamma   95.20
#
_symmetry.space_group_name_H-M   'P 1'
#
loop_
_entity.id
_entity.type
_entity.pdbx_description
1 polymer 'Glutathione S-transferase'
2 water water
#
_entity_poly.entity_id   1
_entity_poly.type   'polypeptide(L)'
_entity_poly.pdbx_seq_one_letter_code
;MRRLYHHGLSPAARKVRVALAEKRLDYEAVIEETWIRNESFLAMNPEGEVPVLVEADGLTITDGWAICEYLEEVYPEPSL
LGGPAAMRAEVRRLVAWFDRKFNREVTEPLVREKLLKRVISGGAPDSRQIRAGRANVHTHLRYISWLIDRRRWLAGDMLT
YADITAACHLSLIDYAGDVPWEDHPQAKEWYALVKSRPSFRPLLTETISPIRPPRHYADLDF
;
_entity_poly.pdbx_strand_id   A,B
#
# COMPACT_ATOMS: atom_id res chain seq x y z
N MET A 1 24.14 3.90 15.71
CA MET A 1 22.83 3.80 16.42
C MET A 1 21.71 3.67 15.39
N ARG A 2 20.53 3.32 15.86
CA ARG A 2 19.35 3.16 14.97
C ARG A 2 19.12 4.41 14.17
N ARG A 3 18.81 4.27 12.88
CA ARG A 3 18.71 5.43 11.98
C ARG A 3 17.52 5.30 11.05
N LEU A 4 16.92 6.43 10.76
CA LEU A 4 15.82 6.49 9.79
C LEU A 4 16.18 7.45 8.66
N TYR A 5 16.25 6.92 7.45
CA TYR A 5 16.34 7.72 6.26
C TYR A 5 14.97 8.26 5.93
N HIS A 6 14.86 9.58 5.79
CA HIS A 6 13.56 10.20 5.63
C HIS A 6 13.66 11.48 4.77
N HIS A 7 12.53 12.05 4.46
CA HIS A 7 12.47 13.43 4.07
C HIS A 7 11.15 14.00 4.45
N GLY A 8 11.09 15.30 4.64
CA GLY A 8 9.90 15.94 5.16
C GLY A 8 8.69 15.87 4.27
N LEU A 9 8.86 15.62 2.96
CA LEU A 9 7.72 15.58 2.09
C LEU A 9 7.07 14.20 1.98
N SER A 10 7.59 13.22 2.70
CA SER A 10 7.11 11.85 2.57
C SER A 10 6.11 11.54 3.68
N PRO A 11 4.84 11.27 3.33
CA PRO A 11 3.92 10.88 4.40
C PRO A 11 4.30 9.61 5.11
N ALA A 12 4.82 8.64 4.38
CA ALA A 12 5.21 7.40 5.00
C ALA A 12 6.36 7.59 5.99
N ALA A 13 7.31 8.42 5.61
CA ALA A 13 8.43 8.69 6.49
C ALA A 13 7.99 9.46 7.71
N ARG A 14 7.08 10.42 7.54
CA ARG A 14 6.51 11.10 8.70
C ARG A 14 5.88 10.10 9.62
N LYS A 15 5.09 9.19 9.07
CA LYS A 15 4.44 8.16 9.89
C LYS A 15 5.42 7.35 10.71
N VAL A 16 6.52 6.90 10.11
CA VAL A 16 7.49 6.12 10.83
C VAL A 16 8.16 6.94 11.96
N ARG A 17 8.45 8.22 11.70
CA ARG A 17 9.00 9.06 12.71
C ARG A 17 8.05 9.15 13.92
N VAL A 18 6.77 9.40 13.66
CA VAL A 18 5.77 9.44 14.73
C VAL A 18 5.70 8.11 15.47
N ALA A 19 5.71 7.00 14.72
CA ALA A 19 5.65 5.65 15.32
C ALA A 19 6.85 5.36 16.24
N LEU A 20 8.06 5.70 15.78
CA LEU A 20 9.25 5.47 16.54
C LEU A 20 9.14 6.22 17.90
N ALA A 21 8.69 7.47 17.83
CA ALA A 21 8.53 8.30 19.04
C ALA A 21 7.44 7.73 19.97
N GLU A 22 6.31 7.29 19.41
CA GLU A 22 5.23 6.70 20.19
C GLU A 22 5.74 5.45 20.91
N LYS A 23 6.68 4.73 20.28
CA LYS A 23 7.24 3.49 20.89
C LYS A 23 8.46 3.80 21.77
N ARG A 24 8.76 5.07 21.94
CA ARG A 24 9.89 5.51 22.77
C ARG A 24 11.24 4.92 22.28
N LEU A 25 11.38 4.86 20.96
CA LEU A 25 12.58 4.34 20.34
C LEU A 25 13.44 5.46 19.86
N ASP A 26 14.66 5.54 20.35
CA ASP A 26 15.56 6.56 19.91
C ASP A 26 16.05 6.26 18.47
N TYR A 27 16.30 7.29 17.71
CA TYR A 27 16.85 7.14 16.38
C TYR A 27 17.49 8.42 15.89
N GLU A 28 18.42 8.25 14.95
CA GLU A 28 19.01 9.36 14.24
C GLU A 28 18.29 9.60 12.92
N ALA A 29 17.77 10.79 12.74
CA ALA A 29 17.07 11.14 11.50
C ALA A 29 18.06 11.57 10.46
N VAL A 30 18.02 10.90 9.30
CA VAL A 30 18.94 11.22 8.21
C VAL A 30 18.17 11.56 6.94
N ILE A 31 18.34 12.76 6.44
CA ILE A 31 17.65 13.19 5.25
C ILE A 31 18.25 12.54 4.01
N GLU A 32 17.38 11.98 3.19
CA GLU A 32 17.71 11.62 1.84
C GLU A 32 16.74 12.28 0.88
N GLU A 33 17.26 13.11 -0.01
CA GLU A 33 16.46 13.71 -1.06
C GLU A 33 16.38 12.77 -2.25
N THR A 34 15.29 12.00 -2.32
CA THR A 34 15.24 10.88 -3.25
C THR A 34 15.05 11.31 -4.71
N TRP A 35 14.79 12.60 -4.88
CA TRP A 35 14.69 13.23 -6.19
C TRP A 35 16.07 13.49 -6.78
N ILE A 36 17.12 13.26 -6.00
CA ILE A 36 18.50 13.36 -6.46
C ILE A 36 19.12 11.97 -6.42
N ARG A 37 19.39 11.41 -7.60
CA ARG A 37 19.88 10.04 -7.70
C ARG A 37 21.14 9.85 -6.85
N ASN A 38 21.19 8.73 -6.11
CA ASN A 38 22.29 8.44 -5.21
C ASN A 38 22.47 6.94 -5.23
N GLU A 39 23.51 6.48 -5.93
CA GLU A 39 23.65 5.06 -6.16
C GLU A 39 23.83 4.31 -4.86
N SER A 40 24.44 4.92 -3.85
CA SER A 40 24.63 4.22 -2.58
C SER A 40 23.25 4.00 -1.88
N PHE A 41 22.37 4.97 -2.01
CA PHE A 41 21.03 4.84 -1.41
C PHE A 41 20.23 3.77 -2.14
N LEU A 42 20.30 3.77 -3.47
CA LEU A 42 19.65 2.77 -4.29
C LEU A 42 20.17 1.38 -3.99
N ALA A 43 21.47 1.27 -3.70
CA ALA A 43 22.02 -0.01 -3.32
C ALA A 43 21.38 -0.54 -2.07
N MET A 44 21.07 0.35 -1.13
CA MET A 44 20.44 -0.05 0.12
C MET A 44 18.93 -0.35 -0.05
N ASN A 45 18.26 0.49 -0.85
CA ASN A 45 16.85 0.33 -1.23
C ASN A 45 16.60 0.52 -2.70
N PRO A 46 16.50 -0.59 -3.42
CA PRO A 46 16.34 -0.47 -4.87
C PRO A 46 15.13 0.25 -5.36
N GLU A 47 14.11 0.42 -4.50
CA GLU A 47 12.96 1.21 -4.87
C GLU A 47 13.26 2.71 -4.89
N GLY A 48 14.31 3.12 -4.21
CA GLY A 48 14.78 4.53 -4.19
C GLY A 48 13.84 5.46 -3.46
N GLU A 49 13.13 4.90 -2.47
CA GLU A 49 12.22 5.69 -1.66
C GLU A 49 12.65 5.72 -0.21
N VAL A 50 12.23 6.78 0.49
CA VAL A 50 12.16 6.78 1.93
C VAL A 50 10.73 6.37 2.38
N PRO A 51 10.59 5.84 3.61
CA PRO A 51 11.57 5.60 4.67
C PRO A 51 12.34 4.31 4.55
N VAL A 52 13.54 4.34 5.13
CA VAL A 52 14.32 3.13 5.35
C VAL A 52 14.83 3.17 6.80
N LEU A 53 14.59 2.12 7.56
CA LEU A 53 15.09 1.97 8.92
C LEU A 53 16.31 1.07 8.93
N VAL A 54 17.38 1.53 9.60
CA VAL A 54 18.60 0.67 9.79
C VAL A 54 18.86 0.55 11.31
N GLU A 55 18.73 -0.66 11.81
CA GLU A 55 18.99 -0.95 13.21
C GLU A 55 20.50 -0.89 13.45
N ALA A 56 20.86 -0.76 14.72
CA ALA A 56 22.29 -0.67 15.10
C ALA A 56 23.13 -1.87 14.62
N ASP A 57 22.52 -3.05 14.52
CA ASP A 57 23.22 -4.22 13.98
C ASP A 57 23.25 -4.25 12.44
N GLY A 58 22.72 -3.21 11.79
CA GLY A 58 22.70 -3.12 10.32
C GLY A 58 21.44 -3.63 9.63
N LEU A 59 20.57 -4.26 10.39
CA LEU A 59 19.34 -4.81 9.79
C LEU A 59 18.60 -3.64 9.17
N THR A 60 18.25 -3.76 7.90
CA THR A 60 17.67 -2.71 7.08
C THR A 60 16.26 -3.07 6.66
N ILE A 61 15.29 -2.27 7.10
CA ILE A 61 13.87 -2.50 6.82
C ILE A 61 13.38 -1.37 5.93
N THR A 62 12.79 -1.77 4.79
CA THR A 62 12.40 -0.84 3.74
C THR A 62 10.87 -0.94 3.55
N ASP A 63 10.23 0.17 3.24
CA ASP A 63 8.80 0.32 3.01
C ASP A 63 8.11 0.69 4.31
N GLY A 64 7.29 1.74 4.27
CA GLY A 64 6.60 2.20 5.47
C GLY A 64 5.81 1.11 6.16
N TRP A 65 5.02 0.33 5.43
CA TRP A 65 4.21 -0.67 6.04
C TRP A 65 5.08 -1.75 6.62
N ALA A 66 6.09 -2.22 5.86
CA ALA A 66 7.00 -3.21 6.37
C ALA A 66 7.66 -2.75 7.67
N ILE A 67 8.08 -1.47 7.71
CA ILE A 67 8.69 -0.92 8.94
C ILE A 67 7.68 -0.92 10.09
N CYS A 68 6.46 -0.46 9.84
CA CYS A 68 5.43 -0.43 10.89
C CYS A 68 5.11 -1.80 11.43
N GLU A 69 5.01 -2.79 10.56
CA GLU A 69 4.71 -4.13 11.04
C GLU A 69 5.92 -4.71 11.79
N TYR A 70 7.12 -4.41 11.31
CA TYR A 70 8.35 -4.82 11.97
C TYR A 70 8.40 -4.19 13.35
N LEU A 71 8.10 -2.91 13.47
CA LEU A 71 8.15 -2.25 14.80
C LEU A 71 7.19 -2.92 15.79
N GLU A 72 6.01 -3.33 15.31
CA GLU A 72 5.04 -3.92 16.22
C GLU A 72 5.50 -5.33 16.62
N GLU A 73 6.24 -6.01 15.76
CA GLU A 73 6.75 -7.36 16.04
C GLU A 73 7.90 -7.31 17.03
N VAL A 74 8.80 -6.38 16.83
CA VAL A 74 10.07 -6.36 17.64
C VAL A 74 9.94 -5.53 18.91
N TYR A 75 9.08 -4.52 18.89
CA TYR A 75 8.89 -3.57 19.97
C TYR A 75 7.39 -3.45 20.27
N PRO A 76 6.82 -4.55 20.83
CA PRO A 76 5.36 -4.68 20.88
C PRO A 76 4.63 -3.68 21.72
N GLU A 77 5.27 -3.14 22.76
CA GLU A 77 4.59 -2.17 23.62
C GLU A 77 5.26 -0.83 23.52
N PRO A 78 4.49 0.26 23.45
CA PRO A 78 3.01 0.33 23.40
C PRO A 78 2.54 -0.10 22.00
N SER A 79 1.41 -0.78 21.94
CA SER A 79 0.94 -1.33 20.61
C SER A 79 0.33 -0.21 19.77
N LEU A 80 0.60 -0.20 18.45
CA LEU A 80 -0.04 0.71 17.56
C LEU A 80 -1.01 -0.04 16.61
N LEU A 81 -1.18 -1.34 16.84
CA LEU A 81 -2.21 -2.11 16.09
C LEU A 81 -3.37 -2.56 16.94
N GLY A 82 -3.14 -2.79 18.23
CA GLY A 82 -4.21 -3.32 19.06
C GLY A 82 -4.18 -4.83 19.13
N GLY A 83 -5.14 -5.39 19.84
CA GLY A 83 -4.99 -6.77 20.32
C GLY A 83 -5.80 -7.75 19.52
N PRO A 84 -7.14 -7.63 19.57
CA PRO A 84 -7.90 -8.63 18.85
C PRO A 84 -7.73 -8.54 17.33
N ALA A 85 -7.74 -9.66 16.64
CA ALA A 85 -7.60 -9.67 15.17
C ALA A 85 -8.52 -8.70 14.47
N ALA A 86 -9.76 -8.61 14.93
CA ALA A 86 -10.75 -7.72 14.33
C ALA A 86 -10.38 -6.25 14.44
N MET A 87 -9.80 -5.87 15.57
N MET A 87 -9.80 -5.86 15.58
CA MET A 87 -9.40 -4.50 15.77
CA MET A 87 -9.37 -4.49 15.79
C MET A 87 -8.22 -4.20 14.86
C MET A 87 -8.21 -4.20 14.87
N ARG A 88 -7.24 -5.12 14.86
CA ARG A 88 -6.04 -4.95 14.00
C ARG A 88 -6.45 -4.82 12.53
N ALA A 89 -7.44 -5.60 12.10
CA ALA A 89 -7.94 -5.49 10.74
C ALA A 89 -8.54 -4.11 10.44
N GLU A 90 -9.24 -3.51 11.41
CA GLU A 90 -9.84 -2.18 11.23
C GLU A 90 -8.73 -1.12 11.15
N VAL A 91 -7.73 -1.27 12.00
CA VAL A 91 -6.55 -0.38 11.90
C VAL A 91 -5.95 -0.45 10.49
N ARG A 92 -5.71 -1.67 10.02
CA ARG A 92 -5.08 -1.87 8.71
C ARG A 92 -5.96 -1.38 7.54
N ARG A 93 -7.27 -1.56 7.65
CA ARG A 93 -8.22 -0.99 6.71
C ARG A 93 -8.04 0.50 6.59
N LEU A 94 -7.99 1.16 7.73
CA LEU A 94 -7.90 2.62 7.75
C LEU A 94 -6.52 3.09 7.31
N VAL A 95 -5.46 2.38 7.72
CA VAL A 95 -4.13 2.66 7.15
C VAL A 95 -4.21 2.66 5.63
N ALA A 96 -4.79 1.62 5.04
CA ALA A 96 -4.95 1.58 3.59
C ALA A 96 -5.84 2.71 3.05
N TRP A 97 -6.92 3.02 3.73
CA TRP A 97 -7.76 4.14 3.30
C TRP A 97 -6.89 5.39 3.04
N PHE A 98 -6.02 5.68 3.98
CA PHE A 98 -5.21 6.91 3.86
C PHE A 98 -4.03 6.72 2.97
N ASP A 99 -3.31 5.58 3.09
CA ASP A 99 -2.11 5.42 2.24
C ASP A 99 -2.41 5.11 0.76
N ARG A 100 -3.63 4.66 0.45
CA ARG A 100 -4.09 4.52 -0.94
C ARG A 100 -5.04 5.63 -1.36
N LYS A 101 -6.25 5.64 -0.81
CA LYS A 101 -7.33 6.50 -1.29
C LYS A 101 -7.02 7.99 -1.02
N PHE A 102 -6.76 8.35 0.24
CA PHE A 102 -6.43 9.73 0.53
C PHE A 102 -5.18 10.13 -0.21
N ASN A 103 -4.18 9.24 -0.22
CA ASN A 103 -2.93 9.52 -0.86
C ASN A 103 -3.11 9.85 -2.34
N ARG A 104 -3.92 9.05 -3.04
CA ARG A 104 -4.09 9.24 -4.48
C ARG A 104 -4.93 10.47 -4.79
N GLU A 105 -5.93 10.74 -3.96
CA GLU A 105 -6.92 11.75 -4.23
C GLU A 105 -6.50 13.14 -3.75
N VAL A 106 -5.60 13.20 -2.76
CA VAL A 106 -5.26 14.45 -2.08
C VAL A 106 -3.74 14.67 -1.96
N THR A 107 -3.05 13.78 -1.23
CA THR A 107 -1.66 13.97 -0.97
C THR A 107 -0.76 14.05 -2.19
N GLU A 108 -0.89 13.08 -3.09
CA GLU A 108 -0.07 13.08 -4.28
C GLU A 108 -0.20 14.36 -5.09
N PRO A 109 -1.42 14.76 -5.47
CA PRO A 109 -1.45 15.99 -6.26
C PRO A 109 -1.00 17.24 -5.49
N LEU A 110 -1.41 17.39 -4.23
CA LEU A 110 -1.07 18.67 -3.55
C LEU A 110 0.39 18.74 -3.19
N VAL A 111 0.95 17.65 -2.69
CA VAL A 111 2.36 17.66 -2.35
C VAL A 111 3.24 17.86 -3.58
N ARG A 112 2.89 17.19 -4.67
CA ARG A 112 3.71 17.26 -5.86
C ARG A 112 3.67 18.72 -6.37
N GLU A 113 2.46 19.23 -6.53
CA GLU A 113 2.24 20.49 -7.21
C GLU A 113 2.66 21.69 -6.37
N LYS A 114 2.41 21.63 -5.07
CA LYS A 114 2.68 22.79 -4.22
C LYS A 114 3.95 22.74 -3.41
N LEU A 115 4.48 21.54 -3.16
CA LEU A 115 5.63 21.43 -2.34
C LEU A 115 6.83 20.94 -3.12
N LEU A 116 6.73 19.77 -3.74
CA LEU A 116 7.88 19.20 -4.42
C LEU A 116 8.32 20.11 -5.56
N LYS A 117 7.38 20.66 -6.31
CA LYS A 117 7.77 21.45 -7.48
C LYS A 117 8.56 22.66 -7.10
N ARG A 118 8.26 23.22 -5.94
CA ARG A 118 8.99 24.37 -5.47
C ARG A 118 10.36 23.97 -4.94
N VAL A 119 10.46 22.78 -4.35
CA VAL A 119 11.74 22.30 -3.90
C VAL A 119 12.72 22.04 -5.06
N ILE A 120 12.25 21.50 -6.17
CA ILE A 120 13.11 21.22 -7.35
C ILE A 120 12.85 22.26 -8.48
N SER A 121 13.48 22.07 -9.64
CA SER A 121 13.22 22.98 -10.78
C SER A 121 11.76 22.89 -11.28
N GLY A 122 11.01 21.96 -10.70
CA GLY A 122 9.81 21.36 -11.32
C GLY A 122 8.87 22.17 -12.18
N GLY A 123 8.75 23.46 -11.91
CA GLY A 123 7.96 24.35 -12.77
C GLY A 123 6.57 24.71 -12.27
N ALA A 124 5.68 24.94 -13.25
CA ALA A 124 4.36 25.50 -12.99
C ALA A 124 3.44 24.52 -12.29
N PRO A 125 2.86 24.91 -11.14
CA PRO A 125 1.81 24.12 -10.51
C PRO A 125 0.67 23.86 -11.47
N ASP A 126 0.11 22.65 -11.42
CA ASP A 126 -1.02 22.33 -12.23
C ASP A 126 -2.30 22.61 -11.45
N SER A 127 -2.98 23.70 -11.81
CA SER A 127 -4.16 24.14 -11.08
C SER A 127 -5.30 23.14 -11.08
N ARG A 128 -5.40 22.33 -12.13
CA ARG A 128 -6.41 21.29 -12.24
C ARG A 128 -6.24 20.22 -11.14
N GLN A 129 -5.00 19.77 -11.00
CA GLN A 129 -4.63 18.77 -9.98
C GLN A 129 -4.87 19.35 -8.57
N ILE A 130 -4.56 20.64 -8.40
CA ILE A 130 -4.74 21.32 -7.11
C ILE A 130 -6.22 21.45 -6.74
N ARG A 131 -7.06 21.82 -7.71
CA ARG A 131 -8.48 21.95 -7.42
C ARG A 131 -9.10 20.60 -7.03
N ALA A 132 -8.67 19.53 -7.69
CA ALA A 132 -9.21 18.20 -7.43
C ALA A 132 -8.83 17.77 -6.00
N GLY A 133 -7.57 17.99 -5.66
CA GLY A 133 -7.07 17.66 -4.28
C GLY A 133 -7.79 18.41 -3.20
N ARG A 134 -8.02 19.69 -3.44
CA ARG A 134 -8.72 20.56 -2.51
C ARG A 134 -10.17 20.16 -2.36
N ALA A 135 -10.80 19.71 -3.44
CA ALA A 135 -12.19 19.27 -3.34
C ALA A 135 -12.31 17.94 -2.60
N ASN A 136 -11.37 17.04 -2.89
CA ASN A 136 -11.41 15.67 -2.39
C ASN A 136 -11.10 15.61 -0.91
N VAL A 137 -10.35 16.56 -0.39
CA VAL A 137 -10.01 16.50 1.05
C VAL A 137 -11.28 16.67 1.90
N HIS A 138 -12.29 17.37 1.39
CA HIS A 138 -13.54 17.45 2.13
C HIS A 138 -14.19 16.08 2.44
N THR A 139 -14.24 15.18 1.46
CA THR A 139 -14.88 13.87 1.64
C THR A 139 -14.17 13.08 2.73
N HIS A 140 -12.83 13.18 2.71
CA HIS A 140 -12.04 12.53 3.76
C HIS A 140 -12.21 13.09 5.14
N LEU A 141 -12.25 14.43 5.22
CA LEU A 141 -12.53 15.06 6.50
C LEU A 141 -13.90 14.73 7.04
N ARG A 142 -14.90 14.61 6.17
CA ARG A 142 -16.24 14.21 6.63
C ARG A 142 -16.21 12.79 7.21
N TYR A 143 -15.43 11.92 6.59
CA TYR A 143 -15.31 10.55 7.08
C TYR A 143 -14.61 10.47 8.42
N ILE A 144 -13.51 11.21 8.55
CA ILE A 144 -12.84 11.31 9.84
C ILE A 144 -13.78 11.80 10.92
N SER A 145 -14.53 12.85 10.59
CA SER A 145 -15.47 13.41 11.55
C SER A 145 -16.51 12.35 11.99
N TRP A 146 -17.00 11.59 11.04
CA TRP A 146 -17.95 10.46 11.32
C TRP A 146 -17.35 9.42 12.25
N LEU A 147 -16.13 8.98 11.94
CA LEU A 147 -15.45 7.98 12.78
C LEU A 147 -15.21 8.51 14.20
N ILE A 148 -14.65 9.72 14.32
CA ILE A 148 -14.23 10.25 15.63
C ILE A 148 -15.46 10.70 16.44
N ASP A 149 -16.60 10.89 15.79
CA ASP A 149 -17.84 11.23 16.55
C ASP A 149 -18.36 9.98 17.25
N ARG A 150 -17.93 8.80 16.81
CA ARG A 150 -18.41 7.59 17.48
C ARG A 150 -17.37 6.72 18.12
N ARG A 151 -16.11 7.09 17.97
CA ARG A 151 -15.01 6.35 18.55
C ARG A 151 -14.06 7.29 19.25
N ARG A 152 -13.25 6.76 20.15
N ARG A 152 -13.24 6.77 20.16
CA ARG A 152 -12.29 7.53 20.88
CA ARG A 152 -12.28 7.59 20.88
C ARG A 152 -11.19 8.04 19.94
C ARG A 152 -11.18 8.06 19.92
N TRP A 153 -10.72 7.14 19.09
CA TRP A 153 -9.67 7.43 18.11
C TRP A 153 -10.16 6.81 16.80
N LEU A 154 -9.44 6.97 15.67
CA LEU A 154 -10.07 6.63 14.37
C LEU A 154 -10.46 5.15 14.22
N ALA A 155 -9.68 4.27 14.83
CA ALA A 155 -9.89 2.82 14.69
C ALA A 155 -10.49 2.20 15.92
N GLY A 156 -10.79 3.00 16.93
CA GLY A 156 -11.39 2.50 18.18
C GLY A 156 -10.84 3.14 19.44
N ASP A 157 -10.62 2.32 20.48
CA ASP A 157 -10.41 2.81 21.83
C ASP A 157 -9.00 3.35 22.12
N MET A 158 -8.06 3.10 21.23
CA MET A 158 -6.68 3.49 21.49
C MET A 158 -6.12 4.12 20.22
N LEU A 159 -5.14 5.00 20.38
CA LEU A 159 -4.45 5.57 19.27
C LEU A 159 -3.68 4.44 18.54
N THR A 160 -3.74 4.46 17.18
CA THR A 160 -3.12 3.40 16.39
C THR A 160 -2.46 4.01 15.16
N TYR A 161 -1.89 3.12 14.35
CA TYR A 161 -1.32 3.51 13.08
C TYR A 161 -2.39 4.22 12.23
N ALA A 162 -3.68 3.97 12.46
CA ALA A 162 -4.68 4.70 11.69
C ALA A 162 -4.63 6.17 11.91
N ASP A 163 -4.62 6.58 13.17
CA ASP A 163 -4.53 8.00 13.50
C ASP A 163 -3.20 8.59 13.00
N ILE A 164 -2.12 7.82 13.15
CA ILE A 164 -0.82 8.35 12.76
C ILE A 164 -0.77 8.59 11.25
N THR A 165 -1.25 7.61 10.48
CA THR A 165 -1.23 7.69 9.03
C THR A 165 -2.08 8.89 8.54
N ALA A 166 -3.32 8.97 9.02
CA ALA A 166 -4.22 10.03 8.62
C ALA A 166 -3.64 11.44 8.98
N ALA A 167 -3.07 11.56 10.18
CA ALA A 167 -2.56 12.83 10.67
C ALA A 167 -1.31 13.19 9.89
N CYS A 168 -0.50 12.20 9.50
CA CYS A 168 0.75 12.49 8.79
C CYS A 168 0.43 12.98 7.38
N HIS A 169 -0.55 12.36 6.72
CA HIS A 169 -1.00 12.86 5.42
C HIS A 169 -1.54 14.28 5.56
N LEU A 170 -2.41 14.49 6.54
CA LEU A 170 -3.03 15.80 6.74
C LEU A 170 -2.01 16.84 7.08
N SER A 171 -0.92 16.45 7.75
CA SER A 171 0.11 17.41 8.13
C SER A 171 0.76 17.98 6.89
N LEU A 172 0.87 17.17 5.84
CA LEU A 172 1.48 17.68 4.60
C LEU A 172 0.50 18.57 3.83
N ILE A 173 -0.79 18.24 3.87
CA ILE A 173 -1.82 19.12 3.29
C ILE A 173 -1.83 20.43 4.05
N ASP A 174 -1.61 20.36 5.34
CA ASP A 174 -1.63 21.56 6.19
C ASP A 174 -0.38 22.38 5.94
N TYR A 175 0.77 21.75 5.75
CA TYR A 175 1.99 22.47 5.38
C TYR A 175 1.79 23.31 4.09
N ALA A 176 1.01 22.78 3.15
CA ALA A 176 0.66 23.45 1.92
C ALA A 176 -0.45 24.47 2.07
N GLY A 177 -1.08 24.50 3.23
CA GLY A 177 -2.16 25.46 3.54
C GLY A 177 -3.51 25.11 2.93
N ASP A 178 -3.76 23.85 2.60
CA ASP A 178 -4.95 23.47 1.88
C ASP A 178 -6.00 22.67 2.65
N VAL A 179 -5.92 22.62 4.00
CA VAL A 179 -6.94 21.92 4.76
C VAL A 179 -8.05 22.87 5.18
N PRO A 180 -9.32 22.58 4.80
CA PRO A 180 -10.47 23.41 5.20
C PRO A 180 -10.98 23.03 6.58
N TRP A 181 -10.14 23.27 7.58
CA TRP A 181 -10.38 22.79 8.92
C TRP A 181 -11.74 23.24 9.48
N GLU A 182 -12.10 24.49 9.25
CA GLU A 182 -13.30 24.98 9.92
C GLU A 182 -14.59 24.46 9.29
N ASP A 183 -14.47 23.85 8.11
CA ASP A 183 -15.63 23.15 7.55
C ASP A 183 -15.89 21.79 8.23
N HIS A 184 -14.92 21.30 9.01
CA HIS A 184 -14.96 19.94 9.58
C HIS A 184 -14.47 19.96 11.02
N PRO A 185 -15.24 20.63 11.90
CA PRO A 185 -14.76 20.86 13.27
C PRO A 185 -14.43 19.58 14.09
N GLN A 186 -15.13 18.47 13.88
CA GLN A 186 -14.84 17.26 14.66
C GLN A 186 -13.45 16.72 14.21
N ALA A 187 -13.21 16.68 12.91
CA ALA A 187 -11.85 16.30 12.38
C ALA A 187 -10.76 17.24 12.85
N LYS A 188 -11.08 18.54 12.86
CA LYS A 188 -10.12 19.51 13.37
C LYS A 188 -9.71 19.24 14.82
N GLU A 189 -10.70 18.94 15.65
CA GLU A 189 -10.42 18.65 17.06
C GLU A 189 -9.56 17.40 17.23
N TRP A 190 -9.84 16.37 16.44
CA TRP A 190 -9.06 15.15 16.46
C TRP A 190 -7.62 15.42 16.04
N TYR A 191 -7.44 16.23 15.00
CA TYR A 191 -6.08 16.53 14.54
C TYR A 191 -5.34 17.33 15.60
N ALA A 192 -6.02 18.25 16.26
CA ALA A 192 -5.37 19.00 17.33
C ALA A 192 -4.86 18.12 18.43
N LEU A 193 -5.62 17.06 18.74
CA LEU A 193 -5.16 16.10 19.72
C LEU A 193 -3.93 15.35 19.26
N VAL A 194 -3.89 14.95 17.99
CA VAL A 194 -2.70 14.22 17.54
C VAL A 194 -1.50 15.14 17.47
N LYS A 195 -1.70 16.31 16.89
CA LYS A 195 -0.57 17.25 16.66
C LYS A 195 0.09 17.74 17.95
N SER A 196 -0.64 17.64 19.06
N SER A 196 -0.61 17.66 19.07
CA SER A 196 -0.19 18.05 20.39
CA SER A 196 -0.03 18.10 20.36
C SER A 196 0.59 16.99 21.14
C SER A 196 0.80 17.03 21.04
N ARG A 197 0.73 15.79 20.57
CA ARG A 197 1.52 14.73 21.20
C ARG A 197 2.99 14.96 20.95
N PRO A 198 3.85 14.59 21.90
CA PRO A 198 5.28 14.83 21.73
C PRO A 198 5.84 14.16 20.47
N SER A 199 5.24 13.03 20.06
CA SER A 199 5.72 12.29 18.88
C SER A 199 5.56 13.12 17.63
N PHE A 200 4.64 14.08 17.66
CA PHE A 200 4.40 14.91 16.47
C PHE A 200 5.31 16.13 16.35
N ARG A 201 5.99 16.47 17.44
CA ARG A 201 6.67 17.77 17.54
C ARG A 201 7.67 18.03 16.39
N PRO A 202 8.53 17.08 16.00
CA PRO A 202 9.44 17.38 14.89
C PRO A 202 8.75 17.72 13.57
N LEU A 203 7.58 17.11 13.33
CA LEU A 203 6.84 17.43 12.11
C LEU A 203 6.37 18.88 12.12
N LEU A 204 6.14 19.40 13.30
CA LEU A 204 5.67 20.79 13.44
C LEU A 204 6.77 21.78 13.37
N THR A 205 7.94 21.43 13.87
CA THR A 205 9.04 22.44 13.97
C THR A 205 9.99 22.47 12.79
N GLU A 206 10.13 21.35 12.11
CA GLU A 206 11.06 21.30 10.98
C GLU A 206 10.41 21.93 9.73
N THR A 207 11.24 22.42 8.82
CA THR A 207 10.76 23.02 7.59
C THR A 207 11.39 22.34 6.39
N ILE A 208 10.75 22.54 5.25
CA ILE A 208 11.24 22.03 4.02
C ILE A 208 11.48 23.29 3.15
N SER A 209 12.75 23.62 2.96
CA SER A 209 13.12 24.77 2.14
C SER A 209 12.68 24.56 0.70
N PRO A 210 12.17 25.62 0.04
CA PRO A 210 12.03 27.00 0.47
C PRO A 210 10.58 27.35 0.86
N ILE A 211 9.80 26.35 1.27
CA ILE A 211 8.40 26.62 1.52
C ILE A 211 8.17 27.00 2.99
N ARG A 212 7.53 28.13 3.22
CA ARG A 212 7.24 28.57 4.58
C ARG A 212 5.88 27.96 4.91
N PRO A 213 5.75 27.19 6.02
CA PRO A 213 4.40 26.70 6.25
C PRO A 213 3.50 27.84 6.72
N PRO A 214 2.20 27.60 6.72
CA PRO A 214 1.29 28.63 7.19
C PRO A 214 1.45 28.96 8.63
N ARG A 215 0.96 30.15 9.01
CA ARG A 215 1.21 30.65 10.34
C ARG A 215 0.59 29.78 11.45
N HIS A 216 -0.49 29.04 11.15
CA HIS A 216 -1.14 28.19 12.15
C HIS A 216 -0.55 26.78 12.24
N TYR A 217 0.35 26.46 11.30
CA TYR A 217 0.84 25.07 11.18
C TYR A 217 1.39 24.50 12.46
N ALA A 218 2.22 25.25 13.18
CA ALA A 218 2.78 24.79 14.45
C ALA A 218 1.96 25.26 15.66
N ASP A 219 0.80 25.81 15.46
CA ASP A 219 -0.04 26.25 16.59
C ASP A 219 -0.84 25.07 17.16
N LEU A 220 -0.60 24.70 18.41
CA LEU A 220 -1.35 23.63 19.02
C LEU A 220 -2.80 24.05 19.23
N ASP A 221 -3.02 25.36 19.33
CA ASP A 221 -4.35 25.92 19.58
C ASP A 221 -5.04 26.47 18.36
N PHE A 222 -4.64 26.01 17.18
CA PHE A 222 -5.20 26.50 15.93
C PHE A 222 -6.70 26.33 15.83
N MET B 1 -20.29 -20.60 5.12
CA MET B 1 -18.89 -20.66 4.67
C MET B 1 -18.41 -19.23 4.40
N ARG B 2 -17.12 -18.97 4.61
CA ARG B 2 -16.56 -17.63 4.41
C ARG B 2 -16.68 -17.27 2.93
N ARG B 3 -16.78 -15.97 2.67
CA ARG B 3 -17.00 -15.48 1.32
C ARG B 3 -15.99 -14.43 1.03
N LEU B 4 -15.60 -14.37 -0.23
CA LEU B 4 -14.70 -13.36 -0.72
C LEU B 4 -15.35 -12.59 -1.85
N TYR B 5 -15.54 -11.28 -1.64
CA TYR B 5 -15.96 -10.40 -2.72
C TYR B 5 -14.77 -10.02 -3.54
N HIS B 6 -14.86 -10.26 -4.85
CA HIS B 6 -13.68 -10.10 -5.71
C HIS B 6 -14.11 -9.71 -7.11
N HIS B 7 -13.13 -9.37 -7.94
CA HIS B 7 -13.34 -9.42 -9.38
C HIS B 7 -12.02 -9.74 -10.04
N GLY B 8 -12.11 -10.24 -11.26
CA GLY B 8 -10.95 -10.76 -11.94
C GLY B 8 -9.90 -9.73 -12.32
N LEU B 9 -10.25 -8.45 -12.37
CA LEU B 9 -9.31 -7.41 -12.77
C LEU B 9 -8.51 -6.82 -11.62
N SER B 10 -8.72 -7.34 -10.42
CA SER B 10 -8.11 -6.78 -9.21
C SER B 10 -6.91 -7.64 -8.79
N PRO B 11 -5.68 -7.07 -8.86
CA PRO B 11 -4.55 -7.87 -8.39
C PRO B 11 -4.63 -8.21 -6.91
N ALA B 12 -5.19 -7.33 -6.10
CA ALA B 12 -5.33 -7.60 -4.67
C ALA B 12 -6.31 -8.74 -4.37
N ALA B 13 -7.42 -8.74 -5.09
CA ALA B 13 -8.37 -9.83 -4.96
C ALA B 13 -7.81 -11.14 -5.44
N ARG B 14 -7.08 -11.12 -6.53
CA ARG B 14 -6.45 -12.34 -6.99
C ARG B 14 -5.52 -12.89 -5.91
N LYS B 15 -4.72 -11.96 -5.35
CA LYS B 15 -3.80 -12.37 -4.29
C LYS B 15 -4.49 -13.05 -3.12
N VAL B 16 -5.62 -12.49 -2.67
CA VAL B 16 -6.31 -13.09 -1.58
C VAL B 16 -6.87 -14.45 -1.93
N ARG B 17 -7.35 -14.60 -3.18
CA ARG B 17 -7.87 -15.90 -3.58
C ARG B 17 -6.75 -16.95 -3.52
N VAL B 18 -5.60 -16.61 -4.04
CA VAL B 18 -4.44 -17.54 -3.97
C VAL B 18 -4.05 -17.83 -2.53
N ALA B 19 -4.05 -16.81 -1.69
CA ALA B 19 -3.66 -16.99 -0.31
C ALA B 19 -4.61 -17.94 0.45
N LEU B 20 -5.91 -17.75 0.25
CA LEU B 20 -6.91 -18.56 0.89
C LEU B 20 -6.68 -20.04 0.51
N ALA B 21 -6.40 -20.28 -0.76
CA ALA B 21 -6.16 -21.65 -1.25
C ALA B 21 -4.87 -22.24 -0.71
N GLU B 22 -3.81 -21.41 -0.65
CA GLU B 22 -2.52 -21.86 -0.12
C GLU B 22 -2.67 -22.30 1.32
N LYS B 23 -3.55 -21.64 2.07
CA LYS B 23 -3.83 -21.93 3.47
C LYS B 23 -4.91 -22.99 3.63
N ARG B 24 -5.39 -23.53 2.51
CA ARG B 24 -6.45 -24.58 2.52
C ARG B 24 -7.72 -24.13 3.20
N LEU B 25 -8.08 -22.88 2.96
CA LEU B 25 -9.29 -22.32 3.51
C LEU B 25 -10.34 -22.31 2.41
N ASP B 26 -11.44 -23.00 2.64
CA ASP B 26 -12.53 -22.95 1.70
C ASP B 26 -13.22 -21.59 1.75
N TYR B 27 -13.76 -21.18 0.62
CA TYR B 27 -14.53 -19.96 0.58
C TYR B 27 -15.39 -19.92 -0.66
N GLU B 28 -16.42 -19.08 -0.60
CA GLU B 28 -17.27 -18.82 -1.75
C GLU B 28 -16.83 -17.52 -2.43
N ALA B 29 -16.49 -17.61 -3.68
CA ALA B 29 -16.10 -16.42 -4.45
C ALA B 29 -17.34 -15.70 -4.95
N VAL B 30 -17.48 -14.42 -4.62
CA VAL B 30 -18.64 -13.60 -4.99
C VAL B 30 -18.15 -12.42 -5.81
N ILE B 31 -18.60 -12.29 -7.05
CA ILE B 31 -18.20 -11.21 -7.90
C ILE B 31 -18.88 -9.90 -7.50
N GLU B 32 -18.07 -8.84 -7.37
CA GLU B 32 -18.58 -7.47 -7.32
C GLU B 32 -17.85 -6.65 -8.38
N GLU B 33 -18.59 -6.14 -9.35
CA GLU B 33 -18.03 -5.23 -10.33
C GLU B 33 -18.01 -3.80 -9.77
N THR B 34 -16.86 -3.40 -9.22
CA THR B 34 -16.77 -2.17 -8.43
C THR B 34 -16.83 -0.90 -9.28
N TRP B 35 -16.79 -1.09 -10.59
CA TRP B 35 -16.98 0.02 -11.54
C TRP B 35 -18.47 0.36 -11.70
N ILE B 36 -19.34 -0.47 -11.12
CA ILE B 36 -20.79 -0.23 -11.14
C ILE B 36 -21.25 0.04 -9.69
N ARG B 37 -21.73 1.26 -9.46
CA ARG B 37 -22.15 1.67 -8.13
C ARG B 37 -23.15 0.75 -7.52
N ASN B 38 -22.91 0.46 -6.25
CA ASN B 38 -23.75 -0.44 -5.49
C ASN B 38 -23.72 0.05 -4.04
N GLU B 39 -24.80 0.70 -3.58
CA GLU B 39 -24.81 1.29 -2.25
C GLU B 39 -24.69 0.23 -1.18
N SER B 40 -25.18 -0.98 -1.43
CA SER B 40 -25.10 -2.02 -0.42
C SER B 40 -23.64 -2.47 -0.23
N PHE B 41 -22.89 -2.53 -1.33
CA PHE B 41 -21.49 -2.90 -1.24
C PHE B 41 -20.72 -1.80 -0.54
N LEU B 42 -21.01 -0.54 -0.89
CA LEU B 42 -20.37 0.61 -0.23
C LEU B 42 -20.65 0.63 1.28
N ALA B 43 -21.86 0.22 1.67
CA ALA B 43 -22.19 0.15 3.08
C ALA B 43 -21.32 -0.84 3.83
N MET B 44 -20.92 -1.92 3.16
CA MET B 44 -20.03 -2.90 3.74
C MET B 44 -18.55 -2.47 3.72
N ASN B 45 -18.12 -1.90 2.59
CA ASN B 45 -16.78 -1.30 2.42
C ASN B 45 -16.83 0.09 1.84
N PRO B 46 -16.68 1.12 2.67
CA PRO B 46 -16.84 2.46 2.17
C PRO B 46 -15.84 2.88 1.12
N GLU B 47 -14.72 2.16 1.01
CA GLU B 47 -13.77 2.47 -0.05
C GLU B 47 -14.26 2.01 -1.43
N GLY B 48 -15.24 1.10 -1.44
CA GLY B 48 -15.84 0.60 -2.70
C GLY B 48 -14.90 -0.22 -3.54
N GLU B 49 -13.97 -0.89 -2.87
CA GLU B 49 -13.01 -1.78 -3.55
C GLU B 49 -13.19 -3.21 -3.10
N VAL B 50 -12.81 -4.13 -4.00
CA VAL B 50 -12.51 -5.50 -3.61
C VAL B 50 -10.99 -5.62 -3.35
N PRO B 51 -10.59 -6.58 -2.55
CA PRO B 51 -11.34 -7.65 -1.90
C PRO B 51 -11.96 -7.27 -0.55
N VAL B 52 -13.01 -7.99 -0.21
CA VAL B 52 -13.59 -8.00 1.13
C VAL B 52 -13.83 -9.45 1.53
N LEU B 53 -13.35 -9.85 2.69
CA LEU B 53 -13.55 -11.19 3.23
C LEU B 53 -14.61 -11.15 4.32
N VAL B 54 -15.62 -12.04 4.23
CA VAL B 54 -16.61 -12.14 5.28
C VAL B 54 -16.57 -13.59 5.83
N GLU B 55 -16.18 -13.71 7.09
CA GLU B 55 -16.13 -14.99 7.72
C GLU B 55 -17.58 -15.48 7.94
N ALA B 56 -17.71 -16.78 8.12
CA ALA B 56 -19.03 -17.39 8.41
C ALA B 56 -19.79 -16.70 9.54
N ASP B 57 -19.11 -16.22 10.56
CA ASP B 57 -19.78 -15.54 11.67
C ASP B 57 -20.04 -14.05 11.40
N GLY B 58 -19.78 -13.60 10.17
CA GLY B 58 -20.03 -12.22 9.77
C GLY B 58 -18.87 -11.23 9.90
N LEU B 59 -17.77 -11.65 10.51
CA LEU B 59 -16.61 -10.76 10.65
C LEU B 59 -16.13 -10.38 9.25
N THR B 60 -15.99 -9.08 8.99
CA THR B 60 -15.75 -8.54 7.66
C THR B 60 -14.40 -7.85 7.66
N ILE B 61 -13.49 -8.36 6.82
CA ILE B 61 -12.13 -7.84 6.73
C ILE B 61 -11.93 -7.24 5.34
N THR B 62 -11.54 -5.96 5.31
CA THR B 62 -11.52 -5.18 4.13
C THR B 62 -10.07 -4.74 3.82
N ASP B 63 -9.70 -4.71 2.53
CA ASP B 63 -8.36 -4.33 2.05
C ASP B 63 -7.53 -5.61 1.90
N GLY B 64 -6.89 -5.76 0.74
CA GLY B 64 -6.02 -6.91 0.49
C GLY B 64 -4.92 -7.14 1.53
N TRP B 65 -4.24 -6.09 1.92
CA TRP B 65 -3.18 -6.21 2.85
C TRP B 65 -3.74 -6.58 4.24
N ALA B 66 -4.78 -5.89 4.68
CA ALA B 66 -5.41 -6.20 5.98
C ALA B 66 -5.86 -7.66 5.99
N ILE B 67 -6.42 -8.12 4.87
CA ILE B 67 -6.86 -9.52 4.76
C ILE B 67 -5.69 -10.46 4.86
N CYS B 68 -4.60 -10.17 4.14
CA CYS B 68 -3.43 -11.07 4.22
C CYS B 68 -2.83 -11.13 5.62
N GLU B 69 -2.74 -9.98 6.32
CA GLU B 69 -2.18 -9.98 7.65
C GLU B 69 -3.13 -10.72 8.61
N TYR B 70 -4.44 -10.54 8.41
CA TYR B 70 -5.46 -11.23 9.22
C TYR B 70 -5.33 -12.71 9.03
N LEU B 71 -5.19 -13.16 7.79
CA LEU B 71 -5.11 -14.61 7.54
C LEU B 71 -3.88 -15.22 8.21
N GLU B 72 -2.75 -14.50 8.24
CA GLU B 72 -1.56 -15.05 8.87
C GLU B 72 -1.70 -15.08 10.40
N GLU B 73 -2.49 -14.18 10.97
CA GLU B 73 -2.70 -14.09 12.41
C GLU B 73 -3.65 -15.19 12.87
N VAL B 74 -4.73 -15.41 12.11
CA VAL B 74 -5.79 -16.36 12.51
C VAL B 74 -5.59 -17.80 12.02
N TYR B 75 -4.91 -17.97 10.90
CA TYR B 75 -4.64 -19.24 10.25
C TYR B 75 -3.12 -19.33 9.96
N PRO B 76 -2.30 -19.47 11.00
CA PRO B 76 -0.84 -19.24 10.81
C PRO B 76 -0.11 -20.24 9.93
N GLU B 77 -0.61 -21.46 9.82
CA GLU B 77 0.06 -22.47 9.07
C GLU B 77 -0.80 -22.87 7.90
N PRO B 78 -0.23 -22.99 6.70
CA PRO B 78 1.18 -22.76 6.33
C PRO B 78 1.44 -21.26 6.28
N SER B 79 2.63 -20.83 6.68
CA SER B 79 2.90 -19.38 6.78
C SER B 79 3.19 -18.85 5.37
N LEU B 80 2.69 -17.64 5.09
CA LEU B 80 3.04 -16.94 3.89
C LEU B 80 3.87 -15.69 4.16
N LEU B 81 4.25 -15.47 5.43
CA LEU B 81 5.23 -14.42 5.80
C LEU B 81 6.57 -14.92 6.24
N GLY B 82 6.60 -16.11 6.82
CA GLY B 82 7.85 -16.62 7.34
C GLY B 82 8.01 -16.27 8.81
N GLY B 83 9.16 -16.66 9.36
CA GLY B 83 9.31 -16.70 10.82
C GLY B 83 10.10 -15.55 11.40
N PRO B 84 11.40 -15.46 11.03
CA PRO B 84 12.18 -14.39 11.60
C PRO B 84 11.73 -12.99 11.12
N ALA B 85 11.82 -12.00 12.01
CA ALA B 85 11.42 -10.63 11.65
C ALA B 85 12.05 -10.18 10.35
N ALA B 86 13.34 -10.46 10.15
CA ALA B 86 14.06 -10.05 8.96
C ALA B 86 13.44 -10.61 7.69
N MET B 87 13.02 -11.88 7.73
N MET B 87 13.01 -11.87 7.72
CA MET B 87 12.45 -12.52 6.57
CA MET B 87 12.46 -12.51 6.55
C MET B 87 11.11 -11.86 6.30
C MET B 87 11.08 -11.90 6.29
N ARG B 88 10.31 -11.71 7.35
CA ARG B 88 8.96 -11.13 7.19
C ARG B 88 9.07 -9.73 6.59
N ALA B 89 10.09 -8.98 7.00
CA ALA B 89 10.30 -7.65 6.48
C ALA B 89 10.65 -7.67 4.97
N GLU B 90 11.44 -8.65 4.53
CA GLU B 90 11.79 -8.79 3.12
C GLU B 90 10.56 -9.17 2.32
N VAL B 91 9.73 -10.06 2.88
CA VAL B 91 8.47 -10.36 2.22
C VAL B 91 7.60 -9.10 2.03
N ARG B 92 7.48 -8.31 3.10
CA ARG B 92 6.64 -7.11 3.06
C ARG B 92 7.26 -6.05 2.13
N ARG B 93 8.58 -5.99 2.08
CA ARG B 93 9.26 -5.08 1.16
C ARG B 93 8.86 -5.42 -0.30
N LEU B 94 8.95 -6.70 -0.64
CA LEU B 94 8.63 -7.12 -1.98
C LEU B 94 7.14 -7.03 -2.30
N VAL B 95 6.29 -7.32 -1.32
CA VAL B 95 4.86 -7.07 -1.51
C VAL B 95 4.64 -5.63 -1.93
N ALA B 96 5.27 -4.70 -1.22
CA ALA B 96 5.18 -3.29 -1.61
C ALA B 96 5.82 -2.99 -2.94
N TRP B 97 6.95 -3.59 -3.30
CA TRP B 97 7.55 -3.39 -4.59
C TRP B 97 6.51 -3.64 -5.68
N PHE B 98 5.77 -4.72 -5.54
CA PHE B 98 4.76 -5.07 -6.56
C PHE B 98 3.48 -4.29 -6.44
N ASP B 99 2.97 -4.18 -5.22
CA ASP B 99 1.66 -3.47 -5.07
C ASP B 99 1.77 -1.94 -5.21
N ARG B 100 2.98 -1.38 -5.10
CA ARG B 100 3.22 0.06 -5.39
C ARG B 100 3.90 0.30 -6.71
N LYS B 101 5.16 -0.11 -6.82
CA LYS B 101 5.98 0.23 -7.95
C LYS B 101 5.54 -0.51 -9.23
N PHE B 102 5.52 -1.84 -9.21
CA PHE B 102 5.03 -2.57 -10.40
C PHE B 102 3.63 -2.13 -10.74
N ASN B 103 2.79 -1.98 -9.72
CA ASN B 103 1.42 -1.58 -9.95
C ASN B 103 1.31 -0.22 -10.68
N ARG B 104 2.09 0.77 -10.25
CA ARG B 104 2.00 2.10 -10.86
C ARG B 104 2.60 2.10 -12.29
N GLU B 105 3.66 1.33 -12.49
CA GLU B 105 4.46 1.38 -13.71
C GLU B 105 3.94 0.48 -14.80
N VAL B 106 3.19 -0.56 -14.42
CA VAL B 106 2.84 -1.60 -15.33
C VAL B 106 1.36 -1.97 -15.23
N THR B 107 0.89 -2.47 -14.08
CA THR B 107 -0.46 -2.95 -13.96
C THR B 107 -1.52 -1.90 -14.21
N GLU B 108 -1.39 -0.76 -13.56
CA GLU B 108 -2.41 0.30 -13.73
C GLU B 108 -2.59 0.71 -15.19
N PRO B 109 -1.52 1.09 -15.90
CA PRO B 109 -1.80 1.52 -17.27
C PRO B 109 -2.31 0.38 -18.14
N LEU B 110 -1.75 -0.82 -17.98
CA LEU B 110 -2.10 -1.87 -18.94
C LEU B 110 -3.48 -2.44 -18.68
N VAL B 111 -3.84 -2.63 -17.42
CA VAL B 111 -5.17 -3.11 -17.09
C VAL B 111 -6.23 -2.05 -17.47
N ARG B 112 -5.93 -0.78 -17.25
CA ARG B 112 -6.89 0.29 -17.50
C ARG B 112 -7.13 0.38 -19.01
N GLU B 113 -6.04 0.47 -19.76
CA GLU B 113 -6.13 0.72 -21.19
C GLU B 113 -6.59 -0.50 -21.97
N LYS B 114 -6.21 -1.70 -21.53
CA LYS B 114 -6.47 -2.90 -22.33
C LYS B 114 -7.57 -3.78 -21.85
N LEU B 115 -7.91 -3.71 -20.56
CA LEU B 115 -8.88 -4.59 -19.99
C LEU B 115 -10.09 -3.81 -19.52
N LEU B 116 -9.91 -2.89 -18.58
CA LEU B 116 -11.06 -2.18 -18.04
C LEU B 116 -11.79 -1.43 -19.15
N LYS B 117 -11.06 -0.77 -20.04
CA LYS B 117 -11.74 0.06 -21.06
C LYS B 117 -12.64 -0.78 -21.96
N ARG B 118 -12.25 -2.01 -22.23
CA ARG B 118 -13.07 -2.89 -23.05
C ARG B 118 -14.28 -3.41 -22.26
N VAL B 119 -14.09 -3.64 -20.97
CA VAL B 119 -15.18 -4.11 -20.11
C VAL B 119 -16.30 -3.08 -20.01
N ILE B 120 -15.94 -1.80 -19.89
CA ILE B 120 -16.94 -0.71 -19.80
C ILE B 120 -17.21 -0.11 -21.21
N SER B 121 -16.24 0.58 -21.82
CA SER B 121 -16.39 1.02 -23.21
C SER B 121 -15.10 1.66 -23.71
N ALA B 124 -11.04 4.49 -26.24
CA ALA B 124 -9.87 4.36 -27.10
C ALA B 124 -8.59 4.19 -26.27
N PRO B 125 -7.92 3.03 -26.41
CA PRO B 125 -6.65 2.79 -25.68
C PRO B 125 -5.62 3.88 -25.94
N ASP B 126 -4.93 4.32 -24.89
CA ASP B 126 -3.85 5.30 -25.05
C ASP B 126 -2.55 4.54 -25.32
N SER B 127 -2.08 4.60 -26.56
CA SER B 127 -0.96 3.77 -26.97
C SER B 127 0.35 4.12 -26.27
N ARG B 128 0.53 5.39 -25.93
CA ARG B 128 1.72 5.85 -25.26
C ARG B 128 1.81 5.23 -23.87
N GLN B 129 0.69 5.22 -23.17
CA GLN B 129 0.64 4.61 -21.83
C GLN B 129 0.88 3.12 -21.91
N ILE B 130 0.36 2.47 -22.95
CA ILE B 130 0.57 1.03 -23.16
C ILE B 130 2.07 0.76 -23.41
N ARG B 131 2.72 1.57 -24.24
CA ARG B 131 4.14 1.32 -24.52
C ARG B 131 5.02 1.57 -23.28
N ALA B 132 4.66 2.54 -22.46
CA ALA B 132 5.37 2.80 -21.22
C ALA B 132 5.26 1.57 -20.27
N GLY B 133 4.05 1.03 -20.13
CA GLY B 133 3.84 -0.18 -19.32
C GLY B 133 4.63 -1.36 -19.83
N ARG B 134 4.62 -1.55 -21.15
CA ARG B 134 5.34 -2.65 -21.75
C ARG B 134 6.85 -2.51 -21.58
N ALA B 135 7.38 -1.31 -21.65
CA ALA B 135 8.83 -1.10 -21.42
C ALA B 135 9.18 -1.39 -19.96
N ASN B 136 8.34 -0.91 -19.06
CA ASN B 136 8.63 -1.03 -17.63
C ASN B 136 8.55 -2.48 -17.18
N VAL B 137 7.72 -3.30 -17.79
CA VAL B 137 7.66 -4.67 -17.30
C VAL B 137 9.04 -5.36 -17.46
N HIS B 138 9.83 -4.99 -18.46
CA HIS B 138 11.18 -5.58 -18.60
C HIS B 138 12.06 -5.35 -17.37
N THR B 139 12.02 -4.16 -16.81
CA THR B 139 12.83 -3.80 -15.64
C THR B 139 12.45 -4.69 -14.48
N HIS B 140 11.16 -4.89 -14.30
CA HIS B 140 10.65 -5.72 -13.22
C HIS B 140 10.97 -7.18 -13.39
N LEU B 141 10.85 -7.68 -14.63
CA LEU B 141 11.28 -9.06 -14.88
C LEU B 141 12.78 -9.28 -14.67
N ARG B 142 13.61 -8.31 -15.05
CA ARG B 142 15.04 -8.45 -14.76
C ARG B 142 15.29 -8.53 -13.26
N TYR B 143 14.52 -7.76 -12.47
CA TYR B 143 14.68 -7.80 -11.01
C TYR B 143 14.24 -9.14 -10.42
N ILE B 144 13.11 -9.65 -10.86
CA ILE B 144 12.68 -10.99 -10.52
C ILE B 144 13.76 -12.02 -10.79
N SER B 145 14.30 -11.96 -12.01
CA SER B 145 15.33 -12.91 -12.40
C SER B 145 16.57 -12.80 -11.49
N TRP B 146 16.93 -11.59 -11.13
CA TRP B 146 18.04 -11.39 -10.21
C TRP B 146 17.78 -12.05 -8.84
N LEU B 147 16.58 -11.82 -8.31
CA LEU B 147 16.22 -12.37 -7.02
C LEU B 147 16.20 -13.92 -7.02
N ILE B 148 15.60 -14.51 -8.04
CA ILE B 148 15.40 -15.98 -8.03
C ILE B 148 16.64 -16.66 -8.56
N ASP B 149 17.66 -15.91 -8.96
CA ASP B 149 18.91 -16.60 -9.35
C ASP B 149 19.70 -16.98 -8.11
N ARG B 150 19.39 -16.33 -7.01
CA ARG B 150 20.09 -16.56 -5.76
C ARG B 150 19.18 -17.02 -4.61
N ARG B 151 17.87 -17.09 -4.84
CA ARG B 151 16.96 -17.56 -3.82
C ARG B 151 16.02 -18.54 -4.54
N ARG B 152 15.43 -19.47 -3.80
CA ARG B 152 14.47 -20.37 -4.41
C ARG B 152 13.19 -19.68 -4.84
N TRP B 153 12.75 -18.79 -3.96
CA TRP B 153 11.51 -18.04 -4.17
C TRP B 153 11.87 -16.55 -3.98
N LEU B 154 10.96 -15.60 -4.26
CA LEU B 154 11.39 -14.22 -4.34
C LEU B 154 11.98 -13.70 -3.04
N ALA B 155 11.47 -14.15 -1.90
CA ALA B 155 11.92 -13.65 -0.58
C ALA B 155 12.84 -14.58 0.17
N GLY B 156 13.16 -15.74 -0.40
CA GLY B 156 14.01 -16.70 0.29
C GLY B 156 13.62 -18.14 -0.03
N ASP B 157 13.73 -19.02 0.97
N ASP B 157 13.73 -19.02 0.97
CA ASP B 157 13.63 -20.47 0.75
CA ASP B 157 13.64 -20.47 0.73
C ASP B 157 12.23 -21.03 0.63
C ASP B 157 12.22 -21.01 0.56
N MET B 158 11.22 -20.23 0.94
CA MET B 158 9.85 -20.68 0.91
C MET B 158 8.99 -19.71 0.14
N LEU B 159 7.93 -20.23 -0.46
CA LEU B 159 6.95 -19.36 -1.16
C LEU B 159 6.23 -18.49 -0.15
N THR B 160 6.05 -17.22 -0.50
CA THR B 160 5.44 -16.23 0.40
C THR B 160 4.51 -15.32 -0.34
N TYR B 161 3.93 -14.36 0.39
CA TYR B 161 3.12 -13.31 -0.24
C TYR B 161 3.90 -12.61 -1.33
N ALA B 162 5.23 -12.55 -1.23
CA ALA B 162 5.99 -11.90 -2.28
C ALA B 162 5.76 -12.55 -3.65
N ASP B 163 5.88 -13.87 -3.70
CA ASP B 163 5.65 -14.60 -4.94
C ASP B 163 4.21 -14.47 -5.36
N ILE B 164 3.30 -14.54 -4.37
CA ILE B 164 1.87 -14.46 -4.77
C ILE B 164 1.56 -13.11 -5.39
N THR B 165 2.02 -12.03 -4.74
CA THR B 165 1.71 -10.66 -5.19
C THR B 165 2.29 -10.44 -6.60
N ALA B 166 3.58 -10.78 -6.80
CA ALA B 166 4.19 -10.63 -8.10
C ALA B 166 3.43 -11.42 -9.19
N ALA B 167 3.10 -12.67 -8.88
CA ALA B 167 2.49 -13.57 -9.86
C ALA B 167 1.09 -13.08 -10.19
N CYS B 168 0.41 -12.50 -9.21
CA CYS B 168 -0.97 -12.02 -9.43
C CYS B 168 -0.95 -10.81 -10.33
N HIS B 169 -0.01 -9.90 -10.12
CA HIS B 169 0.11 -8.77 -11.02
C HIS B 169 0.48 -9.25 -12.42
N LEU B 170 1.43 -10.14 -12.51
CA LEU B 170 1.89 -10.58 -13.82
C LEU B 170 0.79 -11.37 -14.53
N SER B 171 -0.05 -12.06 -13.77
CA SER B 171 -1.14 -12.87 -14.36
C SER B 171 -2.10 -11.92 -15.08
N LEU B 172 -2.29 -10.71 -14.56
CA LEU B 172 -3.16 -9.73 -15.28
C LEU B 172 -2.48 -9.18 -16.52
N ILE B 173 -1.19 -8.94 -16.46
CA ILE B 173 -0.42 -8.49 -17.62
C ILE B 173 -0.51 -9.61 -18.67
N ASP B 174 -0.44 -10.85 -18.23
CA ASP B 174 -0.37 -12.01 -19.15
C ASP B 174 -1.76 -12.18 -19.75
N TYR B 175 -2.81 -11.91 -18.98
CA TYR B 175 -4.18 -11.93 -19.48
C TYR B 175 -4.33 -10.95 -20.64
N ALA B 176 -3.67 -9.79 -20.54
CA ALA B 176 -3.62 -8.80 -21.60
C ALA B 176 -2.63 -9.15 -22.71
N GLY B 177 -1.79 -10.19 -22.51
CA GLY B 177 -0.82 -10.65 -23.53
C GLY B 177 0.46 -9.82 -23.64
N ASP B 178 0.78 -9.07 -22.60
CA ASP B 178 1.84 -8.11 -22.68
C ASP B 178 3.10 -8.49 -21.91
N VAL B 179 3.28 -9.77 -21.52
CA VAL B 179 4.53 -10.14 -20.88
C VAL B 179 5.54 -10.72 -21.84
N PRO B 180 6.71 -10.05 -21.98
CA PRO B 180 7.77 -10.54 -22.86
C PRO B 180 8.57 -11.71 -22.23
N TRP B 181 7.91 -12.83 -22.03
CA TRP B 181 8.51 -13.94 -21.32
C TRP B 181 9.79 -14.44 -22.02
N GLU B 182 9.79 -14.36 -23.36
CA GLU B 182 10.93 -14.86 -24.09
C GLU B 182 12.22 -14.09 -23.86
N ASP B 183 12.13 -12.87 -23.33
CA ASP B 183 13.33 -12.11 -22.98
C ASP B 183 13.88 -12.40 -21.55
N HIS B 184 13.10 -13.17 -20.77
CA HIS B 184 13.35 -13.37 -19.32
C HIS B 184 13.11 -14.80 -18.89
N PRO B 185 13.92 -15.72 -19.39
CA PRO B 185 13.67 -17.13 -19.17
C PRO B 185 13.68 -17.57 -17.68
N GLN B 186 14.49 -16.94 -16.85
CA GLN B 186 14.58 -17.30 -15.42
C GLN B 186 13.27 -16.90 -14.75
N ALA B 187 12.82 -15.67 -14.99
CA ALA B 187 11.52 -15.24 -14.44
C ALA B 187 10.37 -16.08 -14.95
N LYS B 188 10.42 -16.42 -16.22
CA LYS B 188 9.38 -17.23 -16.84
C LYS B 188 9.23 -18.57 -16.10
N GLU B 189 10.37 -19.19 -15.82
CA GLU B 189 10.38 -20.46 -15.14
C GLU B 189 9.79 -20.40 -13.74
N TRP B 190 10.12 -19.33 -13.01
CA TRP B 190 9.54 -19.07 -11.70
C TRP B 190 8.03 -18.87 -11.83
N TYR B 191 7.60 -18.07 -12.81
CA TYR B 191 6.15 -17.84 -13.00
C TYR B 191 5.41 -19.13 -13.32
N ALA B 192 6.03 -20.01 -14.09
CA ALA B 192 5.40 -21.26 -14.45
C ALA B 192 5.19 -22.11 -13.22
N LEU B 193 6.13 -22.09 -12.28
CA LEU B 193 5.96 -22.81 -11.02
C LEU B 193 4.82 -22.25 -10.21
N VAL B 194 4.68 -20.92 -10.10
CA VAL B 194 3.60 -20.39 -9.32
C VAL B 194 2.26 -20.66 -9.97
N LYS B 195 2.20 -20.43 -11.27
CA LYS B 195 0.90 -20.54 -11.99
C LYS B 195 0.37 -21.97 -12.00
N SER B 196 1.28 -22.93 -11.82
N SER B 196 1.28 -22.92 -11.88
CA SER B 196 0.97 -24.37 -11.81
CA SER B 196 0.91 -24.34 -11.89
C SER B 196 0.36 -24.86 -10.52
C SER B 196 0.34 -24.84 -10.55
N ARG B 197 0.47 -24.08 -9.47
CA ARG B 197 -0.01 -24.50 -8.15
C ARG B 197 -1.54 -24.55 -8.12
N PRO B 198 -2.10 -25.47 -7.34
CA PRO B 198 -3.57 -25.60 -7.31
C PRO B 198 -4.26 -24.30 -6.87
N SER B 199 -3.57 -23.51 -6.04
CA SER B 199 -4.11 -22.24 -5.56
C SER B 199 -4.32 -21.26 -6.68
N PHE B 200 -3.60 -21.42 -7.79
CA PHE B 200 -3.70 -20.48 -8.90
C PHE B 200 -4.75 -20.84 -9.94
N ARG B 201 -5.30 -22.05 -9.85
CA ARG B 201 -6.16 -22.59 -10.90
C ARG B 201 -7.31 -21.67 -11.31
N PRO B 202 -8.07 -21.13 -10.33
CA PRO B 202 -9.21 -20.28 -10.73
C PRO B 202 -8.81 -19.03 -11.50
N LEU B 203 -7.64 -18.48 -11.19
CA LEU B 203 -7.16 -17.35 -11.95
C LEU B 203 -6.94 -17.73 -13.42
N LEU B 204 -6.64 -18.99 -13.67
CA LEU B 204 -6.29 -19.40 -15.02
C LEU B 204 -7.54 -19.70 -15.84
N THR B 205 -8.52 -20.28 -15.17
CA THR B 205 -9.67 -20.84 -15.89
C THR B 205 -10.83 -19.85 -16.01
N GLU B 206 -10.88 -18.86 -15.12
CA GLU B 206 -11.98 -17.88 -15.16
C GLU B 206 -11.69 -16.79 -16.19
N THR B 207 -12.72 -16.22 -16.75
CA THR B 207 -12.55 -15.18 -17.76
C THR B 207 -13.20 -13.89 -17.30
N ILE B 208 -12.78 -12.81 -17.93
CA ILE B 208 -13.36 -11.50 -17.73
C ILE B 208 -13.91 -11.05 -19.07
N SER B 209 -15.23 -11.11 -19.20
CA SER B 209 -15.89 -10.73 -20.45
C SER B 209 -15.67 -9.24 -20.74
N PRO B 210 -15.46 -8.85 -22.02
CA PRO B 210 -15.43 -9.68 -23.21
C PRO B 210 -14.02 -10.01 -23.69
N ILE B 211 -13.05 -10.01 -22.78
CA ILE B 211 -11.68 -10.16 -23.23
C ILE B 211 -11.27 -11.61 -23.16
N ARG B 212 -10.70 -12.10 -24.26
CA ARG B 212 -10.13 -13.41 -24.28
C ARG B 212 -8.65 -13.30 -23.98
N PRO B 213 -8.14 -14.21 -23.14
CA PRO B 213 -6.72 -14.17 -22.87
C PRO B 213 -5.94 -14.88 -23.98
N PRO B 214 -4.61 -14.66 -24.03
CA PRO B 214 -3.79 -15.33 -25.04
C PRO B 214 -3.86 -16.82 -24.87
N ARG B 215 -3.44 -17.54 -25.92
CA ARG B 215 -3.57 -18.99 -25.93
C ARG B 215 -2.84 -19.67 -24.75
N HIS B 216 -1.72 -19.09 -24.35
CA HIS B 216 -0.87 -19.74 -23.39
C HIS B 216 -1.25 -19.41 -21.98
N TYR B 217 -2.16 -18.45 -21.83
CA TYR B 217 -2.50 -17.94 -20.49
C TYR B 217 -2.84 -19.03 -19.48
N ALA B 218 -3.70 -19.98 -19.87
CA ALA B 218 -4.08 -21.08 -18.96
C ALA B 218 -3.21 -22.33 -19.08
N ASP B 219 -2.21 -22.27 -19.94
CA ASP B 219 -1.32 -23.40 -20.23
C ASP B 219 -0.16 -23.49 -19.23
N LEU B 220 -0.10 -24.60 -18.52
CA LEU B 220 0.97 -24.80 -17.55
C LEU B 220 2.30 -24.98 -18.23
N ASP B 221 2.27 -25.43 -19.48
CA ASP B 221 3.50 -25.80 -20.17
C ASP B 221 4.01 -24.72 -21.11
N PHE B 222 3.47 -23.51 -21.00
CA PHE B 222 3.81 -22.40 -21.89
C PHE B 222 5.31 -22.13 -21.89
#